data_4MPX
#
_entry.id   4MPX
#
_cell.length_a   78.310
_cell.length_b   78.310
_cell.length_c   165.722
_cell.angle_alpha   90.000
_cell.angle_beta   90.000
_cell.angle_gamma   120.000
#
_symmetry.space_group_name_H-M   'P 31 2 1'
#
loop_
_entity.id
_entity.type
_entity.pdbx_description
1 polymer 'Tryptase alpha/beta-1'
2 non-polymer 'SULFATE ION'
3 non-polymer 'CHLORIDE ION'
4 non-polymer 'TRIETHYLENE GLYCOL'
5 non-polymer [(1,1,3,3-tetramethyldisiloxane-1,3-diyl)di-1-benzothiene-4,2-diyl]bis({4-[3-(aminomethyl)phenyl]piperidin-1-yl}methanone)
6 non-polymer '2-(N-MORPHOLINO)-ETHANESULFONIC ACID'
7 water water
#
_entity_poly.entity_id   1
_entity_poly.type   'polypeptide(L)'
_entity_poly.pdbx_seq_one_letter_code
;IVGGQEAPRSKWPWQVSLRVHGPYWMHFCGGSLIHPQWVLTAAHCVGPDVKDLAALRVQLREQHLYYQDQLLPVSRIIVH
PQFYTAQIGADIALLELEEPVKVSSHVHTVTLPPASETFPPGMPCWVTGWGDVDNDERLPPPFPLKQVKVPIMENHICDA
KYHLGAYTGDDVRIVRDDMLCAGNTRRDSCQGDSGGPLVCKVNGTWLQAGVVSWGEGCAQPNRPGIYTRVTYYLDWIHHY
VPKKP
;
_entity_poly.pdbx_strand_id   A,B
#
loop_
_chem_comp.id
_chem_comp.type
_chem_comp.name
_chem_comp.formula
2AV non-polymer [(1,1,3,3-tetramethyldisiloxane-1,3-diyl)di-1-benzothiene-4,2-diyl]bis({4-[3-(aminomethyl)phenyl]piperidin-1-yl}methanone) 'C46 H54 N4 O3 S2 Si2'
CL non-polymer 'CHLORIDE ION' 'Cl -1'
MES non-polymer '2-(N-MORPHOLINO)-ETHANESULFONIC ACID' 'C6 H13 N O4 S'
PGE non-polymer 'TRIETHYLENE GLYCOL' 'C6 H14 O4'
SO4 non-polymer 'SULFATE ION' 'O4 S -2'
#
# COMPACT_ATOMS: atom_id res chain seq x y z
N ILE A 1 -12.77 -8.73 13.39
CA ILE A 1 -14.08 -8.06 13.62
C ILE A 1 -13.99 -7.24 14.92
N VAL A 2 -14.26 -5.95 14.76
CA VAL A 2 -14.28 -4.96 15.86
C VAL A 2 -15.71 -4.73 16.21
N GLY A 3 -16.01 -4.87 17.50
CA GLY A 3 -17.37 -4.81 18.01
C GLY A 3 -18.09 -6.12 17.72
N GLY A 4 -19.38 -6.10 17.84
CA GLY A 4 -20.05 -7.39 17.46
C GLY A 4 -19.74 -8.51 18.45
N GLN A 5 -19.79 -9.77 18.00
CA GLN A 5 -19.89 -10.89 18.93
C GLN A 5 -19.69 -12.17 18.19
N GLU A 6 -19.56 -13.24 18.95
CA GLU A 6 -19.38 -14.57 18.37
C GLU A 6 -20.62 -14.95 17.60
N ALA A 7 -20.46 -15.43 16.39
CA ALA A 7 -21.56 -15.88 15.54
C ALA A 7 -22.22 -17.14 16.05
N PRO A 8 -23.55 -17.23 15.97
CA PRO A 8 -24.16 -18.53 16.22
C PRO A 8 -23.77 -19.53 15.14
N ARG A 9 -23.76 -20.77 15.55
CA ARG A 9 -23.35 -21.90 14.69
C ARG A 9 -24.14 -22.03 13.41
N SER A 10 -25.43 -21.69 13.47
CA SER A 10 -26.31 -21.76 12.30
C SER A 10 -26.18 -20.58 11.34
N LYS A 11 -25.35 -19.61 11.65
CA LYS A 11 -25.26 -18.44 10.77
C LYS A 11 -24.01 -18.47 9.97
N TRP A 12 -24.13 -17.86 8.81
CA TRP A 12 -23.00 -17.71 7.80
C TRP A 12 -22.38 -18.95 7.27
N PRO A 13 -23.17 -19.81 6.64
CA PRO A 13 -22.62 -21.17 6.32
C PRO A 13 -21.67 -21.11 5.16
N TRP A 14 -21.62 -19.92 4.55
CA TRP A 14 -20.72 -19.68 3.40
C TRP A 14 -19.35 -19.19 3.85
N GLN A 15 -19.13 -18.90 5.14
CA GLN A 15 -17.83 -18.31 5.58
C GLN A 15 -16.73 -19.36 5.41
N VAL A 16 -15.56 -19.01 4.88
CA VAL A 16 -14.41 -19.94 4.84
C VAL A 16 -13.18 -19.21 5.32
N SER A 17 -12.15 -19.97 5.56
CA SER A 17 -10.90 -19.45 6.09
C SER A 17 -9.84 -19.85 5.15
N LEU A 18 -8.99 -18.91 4.74
CA LEU A 18 -7.87 -19.23 3.92
C LEU A 18 -6.64 -19.45 4.84
N ARG A 19 -5.89 -20.49 4.53
CA ARG A 19 -4.72 -20.89 5.32
C ARG A 19 -3.43 -20.95 4.51
N VAL A 20 -2.35 -20.45 5.12
CA VAL A 20 -1.02 -20.51 4.57
C VAL A 20 -0.20 -21.54 5.32
N HIS A 21 0.56 -22.32 4.56
CA HIS A 21 1.39 -23.36 5.12
C HIS A 21 2.51 -22.74 5.95
N GLY A 22 2.78 -23.25 7.11
CA GLY A 22 3.98 -22.81 7.86
C GLY A 22 4.11 -23.84 8.98
N PRO A 23 4.62 -23.44 10.15
CA PRO A 23 4.62 -24.32 11.36
C PRO A 23 3.23 -24.95 11.64
N TYR A 24 2.16 -24.19 11.30
CA TYR A 24 0.82 -24.72 11.15
C TYR A 24 0.05 -23.96 10.01
N TRP A 25 -1.10 -24.48 9.61
CA TRP A 25 -1.81 -23.93 8.45
C TRP A 25 -2.55 -22.74 9.03
N MET A 26 -1.91 -21.58 8.99
CA MET A 26 -2.42 -20.40 9.69
CA MET A 26 -2.40 -20.40 9.68
C MET A 26 -3.47 -19.64 8.87
N HIS A 27 -4.55 -19.22 9.51
CA HIS A 27 -5.53 -18.34 8.94
C HIS A 27 -4.91 -16.96 8.59
N PHE A 28 -5.08 -16.50 7.35
CA PHE A 28 -4.66 -15.14 6.97
C PHE A 28 -5.76 -14.34 6.26
N CYS A 29 -6.80 -14.96 5.74
CA CYS A 29 -7.88 -14.13 5.08
C CYS A 29 -9.19 -14.95 5.16
N GLY A 30 -10.30 -14.27 4.99
CA GLY A 30 -11.57 -14.90 4.76
C GLY A 30 -11.83 -15.11 3.29
N GLY A 31 -13.01 -15.67 3.09
CA GLY A 31 -13.58 -15.98 1.79
C GLY A 31 -15.04 -16.36 1.95
N SER A 32 -15.73 -16.54 0.83
CA SER A 32 -17.11 -17.01 0.87
C SER A 32 -17.34 -18.06 -0.19
N LEU A 33 -18.05 -19.13 0.15
CA LEU A 33 -18.42 -20.14 -0.82
C LEU A 33 -19.54 -19.62 -1.72
N ILE A 34 -19.25 -19.46 -2.99
CA ILE A 34 -20.29 -18.96 -3.89
C ILE A 34 -20.77 -20.05 -4.89
N HIS A 35 -20.10 -21.20 -4.87
CA HIS A 35 -20.44 -22.35 -5.71
C HIS A 35 -19.72 -23.52 -5.05
N PRO A 36 -20.18 -24.72 -5.30
CA PRO A 36 -19.55 -25.82 -4.62
C PRO A 36 -18.07 -25.96 -4.96
N GLN A 37 -17.64 -25.42 -6.07
CA GLN A 37 -16.28 -25.55 -6.43
C GLN A 37 -15.58 -24.21 -6.35
N TRP A 38 -16.26 -23.14 -5.89
CA TRP A 38 -15.60 -21.80 -5.94
C TRP A 38 -15.73 -20.98 -4.71
N VAL A 39 -14.60 -20.45 -4.29
CA VAL A 39 -14.47 -19.41 -3.22
C VAL A 39 -14.20 -18.00 -3.77
N LEU A 40 -14.95 -17.04 -3.28
CA LEU A 40 -14.75 -15.64 -3.61
C LEU A 40 -13.93 -15.03 -2.47
N THR A 41 -12.87 -14.28 -2.80
CA THR A 41 -12.04 -13.62 -1.81
C THR A 41 -11.49 -12.30 -2.38
N ALA A 42 -10.55 -11.67 -1.65
CA ALA A 42 -9.91 -10.36 -2.09
C ALA A 42 -8.65 -10.79 -2.80
N ALA A 43 -8.38 -10.18 -3.94
CA ALA A 43 -7.11 -10.31 -4.56
C ALA A 43 -5.87 -10.14 -3.69
N HIS A 44 -5.86 -9.16 -2.82
CA HIS A 44 -4.67 -8.80 -2.08
C HIS A 44 -4.33 -9.94 -1.11
N CYS A 45 -5.28 -10.83 -0.87
CA CYS A 45 -5.00 -12.09 -0.03
C CYS A 45 -4.11 -13.05 -0.74
N VAL A 46 -4.14 -12.99 -2.09
CA VAL A 46 -3.42 -13.96 -2.97
C VAL A 46 -2.51 -13.36 -4.07
N GLY A 47 -2.50 -12.04 -4.21
CA GLY A 47 -1.63 -11.37 -5.15
C GLY A 47 -1.19 -10.01 -4.67
N PRO A 48 -0.65 -9.18 -5.56
CA PRO A 48 -0.61 -9.36 -7.05
C PRO A 48 0.40 -10.35 -7.51
N ASP A 49 1.25 -10.80 -6.63
CA ASP A 49 2.33 -11.65 -7.06
C ASP A 49 1.85 -13.12 -7.02
N VAL A 50 2.26 -13.89 -8.02
CA VAL A 50 1.85 -15.25 -8.14
C VAL A 50 2.45 -16.08 -6.99
N LYS A 51 1.62 -16.83 -6.26
CA LYS A 51 2.13 -17.71 -5.19
C LYS A 51 1.93 -19.23 -5.51
N ASP A 52 2.72 -20.09 -4.85
CA ASP A 52 2.56 -21.55 -4.92
C ASP A 52 1.19 -22.02 -4.39
N LEU A 53 0.37 -22.54 -5.27
CA LEU A 53 -0.94 -23.12 -4.94
C LEU A 53 -0.87 -24.16 -3.83
N ALA A 54 0.22 -24.93 -3.77
CA ALA A 54 0.35 -26.02 -2.80
C ALA A 54 0.48 -25.53 -1.39
N ALA A 55 0.93 -24.28 -1.19
CA ALA A 55 0.99 -23.62 0.09
C ALA A 55 -0.30 -22.92 0.52
N LEU A 56 -1.42 -23.20 -0.13
CA LEU A 56 -2.72 -22.53 0.20
C LEU A 56 -3.74 -23.64 0.39
N ARG A 57 -4.48 -23.58 1.48
CA ARG A 57 -5.71 -24.40 1.64
C ARG A 57 -6.91 -23.61 2.09
N VAL A 58 -8.10 -24.16 1.87
CA VAL A 58 -9.34 -23.57 2.30
C VAL A 58 -9.95 -24.42 3.38
N GLN A 59 -10.49 -23.78 4.44
CA GLN A 59 -11.30 -24.48 5.47
C GLN A 59 -12.70 -23.91 5.36
N LEU A 60 -13.68 -24.81 5.27
CA LEU A 60 -15.08 -24.43 5.20
C LEU A 60 -15.56 -24.03 6.58
N ARG A 61 -16.81 -23.52 6.67
CA ARG A 61 -17.31 -22.95 7.92
CA ARG A 61 -17.25 -22.92 7.91
C ARG A 61 -16.90 -23.80 9.14
N GLU A 62 -16.30 -23.18 10.12
CA GLU A 62 -15.82 -23.81 11.33
C GLU A 62 -16.17 -22.78 12.42
N GLN A 63 -16.68 -23.20 13.56
CA GLN A 63 -17.03 -22.25 14.63
C GLN A 63 -15.75 -21.77 15.35
N HIS A 64 -14.73 -22.63 15.48
CA HIS A 64 -13.47 -22.22 16.08
C HIS A 64 -12.32 -22.54 15.18
N LEU A 65 -11.44 -21.59 14.89
CA LEU A 65 -10.29 -21.99 14.03
C LEU A 65 -9.43 -23.07 14.60
N TYR A 66 -8.95 -23.97 13.74
CA TYR A 66 -7.93 -24.97 14.05
C TYR A 66 -8.43 -26.16 14.78
N TYR A 67 -9.48 -26.05 15.59
CA TYR A 67 -9.90 -27.20 16.41
C TYR A 67 -10.37 -28.41 15.59
N GLN A 68 -11.08 -28.21 14.49
CA GLN A 68 -11.47 -29.36 13.71
C GLN A 68 -11.27 -29.15 12.27
N ASP A 69 -10.04 -28.84 11.87
CA ASP A 69 -9.75 -28.52 10.47
C ASP A 69 -9.89 -29.74 9.58
N GLN A 70 -10.49 -29.56 8.41
CA GLN A 70 -10.43 -30.48 7.33
C GLN A 70 -10.14 -29.62 6.09
N LEU A 71 -8.85 -29.50 5.77
CA LEU A 71 -8.38 -28.47 4.86
C LEU A 71 -8.53 -28.95 3.41
N LEU A 72 -8.85 -28.07 2.46
CA LEU A 72 -9.12 -28.44 1.11
C LEU A 72 -8.15 -27.73 0.16
N PRO A 73 -7.47 -28.52 -0.68
CA PRO A 73 -6.61 -27.93 -1.63
C PRO A 73 -7.35 -27.21 -2.80
N VAL A 74 -6.59 -26.30 -3.41
CA VAL A 74 -7.08 -25.39 -4.41
C VAL A 74 -6.49 -25.80 -5.75
N SER A 75 -7.27 -25.83 -6.84
CA SER A 75 -6.73 -26.14 -8.19
CA SER A 75 -6.77 -26.15 -8.19
C SER A 75 -6.36 -24.87 -8.96
N ARG A 76 -6.99 -23.76 -8.67
CA ARG A 76 -6.70 -22.54 -9.47
C ARG A 76 -6.87 -21.31 -8.63
N ILE A 77 -6.02 -20.32 -8.86
CA ILE A 77 -6.21 -18.94 -8.27
C ILE A 77 -6.36 -18.03 -9.46
N ILE A 78 -7.51 -17.34 -9.48
CA ILE A 78 -7.90 -16.41 -10.51
C ILE A 78 -8.10 -15.03 -9.88
N VAL A 79 -7.25 -14.11 -10.30
CA VAL A 79 -7.09 -12.80 -9.68
C VAL A 79 -7.51 -11.78 -10.74
N HIS A 80 -8.38 -10.88 -10.34
CA HIS A 80 -8.85 -9.86 -11.27
C HIS A 80 -7.66 -9.19 -11.92
N PRO A 81 -7.64 -9.18 -13.27
CA PRO A 81 -6.45 -8.67 -13.94
C PRO A 81 -6.22 -7.16 -13.72
N GLN A 82 -7.19 -6.43 -13.26
CA GLN A 82 -6.91 -5.03 -13.00
C GLN A 82 -6.33 -4.81 -11.63
N PHE A 83 -6.31 -5.86 -10.83
CA PHE A 83 -5.76 -5.68 -9.51
C PHE A 83 -4.28 -5.47 -9.39
N TYR A 84 -3.92 -4.41 -8.65
CA TYR A 84 -2.53 -4.24 -8.22
C TYR A 84 -2.42 -3.92 -6.76
N THR A 85 -3.21 -2.95 -6.29
CA THR A 85 -3.36 -2.75 -4.85
C THR A 85 -4.78 -2.44 -4.51
N ALA A 86 -5.09 -2.65 -3.24
CA ALA A 86 -6.42 -2.46 -2.74
C ALA A 86 -6.85 -1.02 -2.79
N GLN A 87 -5.92 -0.07 -2.61
CA GLN A 87 -6.27 1.37 -2.73
C GLN A 87 -6.62 1.80 -4.16
N ILE A 88 -6.17 1.07 -5.16
CA ILE A 88 -6.63 1.33 -6.51
C ILE A 88 -7.94 0.67 -6.80
N GLY A 89 -8.06 -0.63 -6.50
CA GLY A 89 -9.32 -1.34 -6.72
C GLY A 89 -9.15 -2.65 -7.36
N ALA A 90 -10.27 -3.22 -7.83
CA ALA A 90 -10.35 -4.57 -8.39
C ALA A 90 -9.77 -5.57 -7.39
N ASP A 91 -10.05 -5.33 -6.11
CA ASP A 91 -9.58 -6.20 -5.03
C ASP A 91 -10.52 -7.42 -4.86
N ILE A 92 -10.34 -8.36 -5.77
CA ILE A 92 -11.27 -9.46 -5.91
C ILE A 92 -10.61 -10.60 -6.66
N ALA A 93 -10.93 -11.80 -6.18
CA ALA A 93 -10.31 -13.04 -6.64
C ALA A 93 -11.19 -14.24 -6.37
N LEU A 94 -10.86 -15.30 -7.07
CA LEU A 94 -11.64 -16.53 -7.06
C LEU A 94 -10.64 -17.69 -6.88
N LEU A 95 -11.02 -18.64 -6.04
CA LEU A 95 -10.26 -19.86 -5.83
C LEU A 95 -11.15 -20.97 -6.29
N GLU A 96 -10.65 -21.77 -7.17
CA GLU A 96 -11.33 -23.03 -7.56
C GLU A 96 -10.80 -24.21 -6.76
N LEU A 97 -11.70 -24.96 -6.16
CA LEU A 97 -11.27 -26.08 -5.33
C LEU A 97 -11.03 -27.31 -6.24
N GLU A 98 -10.22 -28.25 -5.78
CA GLU A 98 -9.93 -29.49 -6.52
C GLU A 98 -11.14 -30.38 -6.69
N GLU A 99 -12.07 -30.27 -5.75
CA GLU A 99 -13.31 -31.05 -5.71
C GLU A 99 -14.46 -30.09 -5.37
N PRO A 100 -15.66 -30.37 -5.87
CA PRO A 100 -16.91 -29.73 -5.42
C PRO A 100 -17.17 -30.11 -3.99
N VAL A 101 -17.57 -29.17 -3.13
CA VAL A 101 -17.92 -29.56 -1.79
C VAL A 101 -19.33 -30.04 -1.79
N LYS A 102 -19.74 -30.71 -0.72
CA LYS A 102 -21.13 -31.09 -0.53
C LYS A 102 -21.80 -30.05 0.36
N VAL A 103 -22.95 -29.56 -0.04
CA VAL A 103 -23.60 -28.54 0.71
C VAL A 103 -24.63 -29.12 1.63
N SER A 104 -25.04 -28.30 2.61
CA SER A 104 -25.92 -28.65 3.70
C SER A 104 -26.38 -27.41 4.46
N SER A 105 -27.20 -27.61 5.49
CA SER A 105 -27.64 -26.47 6.31
C SER A 105 -26.47 -25.71 6.95
N HIS A 106 -25.42 -26.42 7.31
CA HIS A 106 -24.26 -25.86 7.96
C HIS A 106 -23.23 -25.22 7.04
N VAL A 107 -23.07 -25.78 5.84
CA VAL A 107 -22.11 -25.30 4.86
C VAL A 107 -22.86 -25.20 3.51
N HIS A 108 -23.05 -23.98 3.03
CA HIS A 108 -23.58 -23.82 1.67
C HIS A 108 -23.28 -22.42 1.09
N THR A 109 -23.63 -22.23 -0.17
CA THR A 109 -23.21 -21.03 -0.87
C THR A 109 -23.99 -19.80 -0.47
N VAL A 110 -23.37 -18.65 -0.72
CA VAL A 110 -24.06 -17.36 -0.59
C VAL A 110 -24.51 -16.90 -2.00
N THR A 111 -25.61 -16.22 -2.05
CA THR A 111 -26.15 -15.62 -3.28
C THR A 111 -25.53 -14.31 -3.60
N LEU A 112 -25.11 -14.16 -4.86
CA LEU A 112 -24.55 -12.92 -5.36
C LEU A 112 -25.71 -11.94 -5.67
N PRO A 113 -25.52 -10.63 -5.48
CA PRO A 113 -26.55 -9.65 -5.77
C PRO A 113 -26.89 -9.54 -7.28
N PRO A 114 -28.15 -9.21 -7.60
CA PRO A 114 -28.34 -8.75 -8.97
C PRO A 114 -27.60 -7.44 -9.23
N ALA A 115 -27.20 -7.26 -10.49
CA ALA A 115 -26.42 -6.06 -10.92
C ALA A 115 -27.06 -4.75 -10.50
N SER A 116 -28.38 -4.67 -10.43
CA SER A 116 -29.02 -3.38 -10.09
C SER A 116 -29.02 -3.06 -8.60
N GLU A 117 -28.59 -3.98 -7.73
CA GLU A 117 -28.69 -3.67 -6.27
C GLU A 117 -27.55 -2.76 -5.85
N THR A 118 -27.88 -1.68 -5.15
CA THR A 118 -26.88 -0.66 -4.75
C THR A 118 -26.52 -0.65 -3.25
N PHE A 119 -27.35 -1.34 -2.43
CA PHE A 119 -27.12 -1.40 -1.00
C PHE A 119 -26.97 -0.02 -0.38
N PRO A 120 -28.09 0.67 -0.25
CA PRO A 120 -28.10 2.03 0.30
C PRO A 120 -28.00 2.06 1.80
N PRO A 121 -27.68 3.25 2.36
CA PRO A 121 -27.62 3.45 3.81
C PRO A 121 -28.87 2.96 4.45
N GLY A 122 -28.76 2.33 5.61
CA GLY A 122 -29.91 1.79 6.32
C GLY A 122 -30.25 0.34 6.00
N MET A 123 -29.57 -0.26 5.03
CA MET A 123 -29.73 -1.71 4.77
C MET A 123 -29.08 -2.41 5.97
N PRO A 124 -29.68 -3.54 6.43
CA PRO A 124 -29.05 -4.31 7.51
C PRO A 124 -27.96 -5.18 6.95
N CYS A 125 -26.71 -4.91 7.31
CA CYS A 125 -25.60 -5.66 6.75
C CYS A 125 -24.68 -6.12 7.83
N TRP A 126 -24.08 -7.27 7.59
CA TRP A 126 -23.14 -7.87 8.50
C TRP A 126 -21.87 -8.31 7.82
N VAL A 127 -20.78 -8.17 8.54
CA VAL A 127 -19.47 -8.61 8.14
C VAL A 127 -19.02 -9.63 9.20
N THR A 128 -18.28 -10.63 8.74
CA THR A 128 -17.95 -11.82 9.52
C THR A 128 -16.49 -12.20 9.28
N GLY A 129 -15.87 -12.78 10.30
CA GLY A 129 -14.49 -13.17 10.19
C GLY A 129 -13.80 -13.51 11.49
N TRP A 130 -12.57 -13.94 11.35
CA TRP A 130 -11.68 -14.37 12.44
C TRP A 130 -10.50 -13.42 12.53
N GLY A 131 -10.70 -12.18 12.07
CA GLY A 131 -9.67 -11.18 12.17
C GLY A 131 -9.58 -10.49 13.49
N ASP A 132 -8.62 -9.58 13.57
CA ASP A 132 -8.38 -8.76 14.76
C ASP A 132 -9.62 -8.14 15.35
N VAL A 133 -9.63 -7.98 16.67
CA VAL A 133 -10.79 -7.45 17.35
C VAL A 133 -10.64 -5.94 17.59
N ASP A 134 -9.46 -5.41 17.29
CA ASP A 134 -9.17 -3.97 17.26
C ASP A 134 -7.83 -3.75 16.58
N ASN A 135 -7.41 -2.49 16.39
CA ASN A 135 -6.08 -2.26 15.79
C ASN A 135 -5.01 -2.99 16.60
N ASP A 136 -4.15 -3.73 15.91
CA ASP A 136 -3.08 -4.55 16.54
C ASP A 136 -3.60 -5.31 17.75
N GLU A 137 -4.72 -5.98 17.62
CA GLU A 137 -5.23 -6.76 18.75
C GLU A 137 -5.82 -8.08 18.22
N ARG A 138 -5.03 -9.14 18.30
CA ARG A 138 -5.37 -10.49 17.76
C ARG A 138 -6.70 -11.01 18.29
N LEU A 139 -7.42 -11.79 17.50
CA LEU A 139 -8.53 -12.58 18.05
C LEU A 139 -7.92 -13.59 19.00
N PRO A 140 -8.39 -13.63 20.26
CA PRO A 140 -7.84 -14.64 21.23
C PRO A 140 -8.28 -16.06 20.92
N PRO A 141 -7.46 -17.08 21.26
CA PRO A 141 -8.04 -18.43 21.28
C PRO A 141 -9.26 -18.44 22.14
N PRO A 142 -10.22 -19.34 21.87
CA PRO A 142 -10.24 -20.37 20.84
C PRO A 142 -10.69 -19.90 19.41
N PHE A 143 -10.55 -18.63 19.07
CA PHE A 143 -10.75 -18.16 17.68
C PHE A 143 -12.13 -18.38 17.08
N PRO A 144 -13.14 -17.91 17.75
CA PRO A 144 -14.46 -18.05 17.27
C PRO A 144 -14.71 -17.09 16.15
N LEU A 145 -15.59 -17.54 15.26
CA LEU A 145 -16.07 -16.71 14.17
C LEU A 145 -16.90 -15.61 14.79
N LYS A 146 -16.57 -14.39 14.42
CA LYS A 146 -17.25 -13.21 14.89
C LYS A 146 -18.07 -12.56 13.74
N GLN A 147 -19.09 -11.83 14.16
CA GLN A 147 -19.97 -11.09 13.27
C GLN A 147 -20.16 -9.73 13.88
N VAL A 148 -20.45 -8.77 13.02
CA VAL A 148 -20.93 -7.46 13.52
C VAL A 148 -21.79 -6.76 12.50
N LYS A 149 -22.88 -6.15 12.95
CA LYS A 149 -23.73 -5.40 12.05
C LYS A 149 -23.03 -4.05 11.76
N VAL A 150 -22.91 -3.70 10.50
CA VAL A 150 -22.23 -2.45 10.16
C VAL A 150 -23.13 -1.60 9.29
N PRO A 151 -23.19 -0.32 9.56
CA PRO A 151 -24.04 0.57 8.73
C PRO A 151 -23.32 0.94 7.41
N ILE A 152 -24.03 0.89 6.29
CA ILE A 152 -23.53 1.31 5.00
C ILE A 152 -23.50 2.85 4.99
N MET A 153 -22.45 3.43 4.45
CA MET A 153 -22.33 4.84 4.19
C MET A 153 -22.26 5.03 2.67
N GLU A 154 -22.99 6.00 2.07
CA GLU A 154 -22.94 6.28 0.60
C GLU A 154 -21.51 6.53 0.17
N ASN A 155 -21.13 6.10 -1.03
CA ASN A 155 -19.74 6.31 -1.40
C ASN A 155 -19.23 7.73 -1.32
N HIS A 156 -20.08 8.67 -1.73
CA HIS A 156 -19.62 10.07 -1.81
C HIS A 156 -19.37 10.57 -0.36
N ILE A 157 -20.14 10.10 0.59
CA ILE A 157 -19.98 10.56 1.92
C ILE A 157 -18.69 9.97 2.50
N CYS A 158 -18.50 8.68 2.21
CA CYS A 158 -17.31 7.91 2.62
C CYS A 158 -16.05 8.55 2.06
N ASP A 159 -16.05 8.89 0.75
CA ASP A 159 -14.91 9.59 0.10
C ASP A 159 -14.61 10.89 0.81
N ALA A 160 -15.63 11.69 1.12
CA ALA A 160 -15.37 13.00 1.79
C ALA A 160 -14.78 12.77 3.19
N LYS A 161 -15.23 11.74 3.91
CA LYS A 161 -14.57 11.42 5.19
C LYS A 161 -13.12 11.13 5.03
N TYR A 162 -12.77 10.25 4.06
CA TYR A 162 -11.41 9.89 3.86
C TYR A 162 -10.53 11.09 3.52
N HIS A 163 -11.14 12.18 3.07
CA HIS A 163 -10.40 13.47 2.86
C HIS A 163 -10.19 14.33 4.09
N LEU A 164 -10.99 14.16 5.13
CA LEU A 164 -10.77 14.94 6.39
C LEU A 164 -9.46 14.53 7.03
N GLY A 165 -8.62 15.52 7.29
CA GLY A 165 -7.36 15.29 7.91
C GLY A 165 -6.38 14.74 6.90
N ALA A 166 -6.61 15.00 5.62
CA ALA A 166 -5.65 14.57 4.64
C ALA A 166 -5.21 15.68 3.75
N TYR A 167 -4.03 15.53 3.16
CA TYR A 167 -3.60 16.52 2.21
C TYR A 167 -4.26 16.35 0.85
N THR A 168 -4.83 15.18 0.62
CA THR A 168 -5.27 14.78 -0.69
C THR A 168 -6.33 15.76 -1.17
N GLY A 169 -6.16 16.29 -2.39
CA GLY A 169 -7.24 17.22 -2.95
C GLY A 169 -8.65 16.64 -2.88
N ASP A 170 -9.63 17.44 -2.52
CA ASP A 170 -11.04 16.98 -2.42
C ASP A 170 -11.62 16.36 -3.70
N ASP A 171 -11.14 16.81 -4.86
CA ASP A 171 -11.60 16.33 -6.15
C ASP A 171 -10.82 15.12 -6.59
N VAL A 172 -9.87 14.70 -5.76
CA VAL A 172 -9.08 13.50 -6.09
C VAL A 172 -9.69 12.30 -5.33
N ARG A 173 -10.33 11.38 -6.06
CA ARG A 173 -11.18 10.42 -5.45
C ARG A 173 -10.33 9.34 -4.77
N ILE A 174 -10.73 9.02 -3.56
CA ILE A 174 -10.07 8.03 -2.78
C ILE A 174 -10.91 6.77 -2.77
N VAL A 175 -12.17 6.90 -2.37
CA VAL A 175 -13.05 5.78 -2.37
C VAL A 175 -13.66 5.64 -3.79
N ARG A 176 -13.32 4.57 -4.50
CA ARG A 176 -13.74 4.42 -5.85
C ARG A 176 -15.13 3.77 -6.02
N ASP A 177 -15.61 3.82 -7.26
CA ASP A 177 -16.93 3.49 -7.61
C ASP A 177 -17.10 1.97 -7.53
N ASP A 178 -16.00 1.22 -7.56
CA ASP A 178 -16.03 -0.24 -7.44
C ASP A 178 -15.82 -0.66 -5.98
N MET A 179 -15.93 0.29 -5.08
CA MET A 179 -15.84 0.05 -3.61
C MET A 179 -17.12 0.42 -2.88
N LEU A 180 -17.21 -0.03 -1.65
CA LEU A 180 -18.40 0.21 -0.86
C LEU A 180 -17.95 0.46 0.56
N CYS A 181 -18.62 1.34 1.29
CA CYS A 181 -18.17 1.67 2.62
C CYS A 181 -19.18 1.23 3.58
N ALA A 182 -18.70 0.70 4.70
CA ALA A 182 -19.56 0.38 5.84
C ALA A 182 -18.73 0.36 7.15
N GLY A 183 -19.42 0.62 8.27
CA GLY A 183 -18.78 0.63 9.59
C GLY A 183 -18.66 2.02 10.22
N ASN A 184 -18.32 2.04 11.50
CA ASN A 184 -18.12 3.31 12.23
C ASN A 184 -17.05 3.06 13.27
N THR A 185 -16.90 3.98 14.21
CA THR A 185 -15.86 3.80 15.22
C THR A 185 -16.18 2.70 16.27
N ARG A 186 -17.31 2.03 16.18
CA ARG A 186 -17.52 0.90 17.12
C ARG A 186 -17.66 -0.44 16.40
N ARG A 187 -17.89 -0.41 15.08
CA ARG A 187 -18.29 -1.61 14.34
C ARG A 187 -17.56 -1.62 13.00
N ASP A 188 -16.71 -2.60 12.79
CA ASP A 188 -15.86 -2.67 11.61
C ASP A 188 -15.24 -4.06 11.43
N SER A 189 -14.63 -4.22 10.27
CA SER A 189 -13.79 -5.35 9.95
C SER A 189 -12.35 -4.92 10.22
N CYS A 190 -11.47 -5.89 10.31
CA CYS A 190 -10.10 -5.56 10.64
C CYS A 190 -9.17 -6.55 10.02
N GLN A 191 -7.85 -6.40 10.25
CA GLN A 191 -6.85 -7.35 9.64
C GLN A 191 -7.14 -8.77 9.94
N GLY A 192 -7.00 -9.68 8.97
CA GLY A 192 -7.55 -11.05 9.14
C GLY A 192 -8.96 -11.29 8.59
N ASP A 193 -9.77 -10.23 8.45
CA ASP A 193 -11.11 -10.32 7.91
C ASP A 193 -11.17 -10.15 6.41
N SER A 194 -10.05 -9.74 5.82
CA SER A 194 -9.93 -9.43 4.42
C SER A 194 -10.33 -10.66 3.63
N GLY A 195 -11.03 -10.42 2.51
CA GLY A 195 -11.48 -11.44 1.61
C GLY A 195 -12.81 -12.02 1.95
N GLY A 196 -13.24 -11.83 3.18
CA GLY A 196 -14.55 -12.35 3.59
C GLY A 196 -15.71 -11.47 3.23
N PRO A 197 -16.91 -11.89 3.65
CA PRO A 197 -18.05 -11.31 3.07
C PRO A 197 -18.73 -10.25 3.88
N LEU A 198 -19.26 -9.23 3.21
CA LEU A 198 -20.23 -8.35 3.78
C LEU A 198 -21.54 -8.77 3.09
N VAL A 199 -22.52 -9.12 3.92
CA VAL A 199 -23.76 -9.67 3.43
C VAL A 199 -24.94 -8.86 3.96
N CYS A 200 -25.88 -8.58 3.10
CA CYS A 200 -27.05 -7.81 3.53
C CYS A 200 -28.28 -8.61 3.20
N LYS A 201 -29.24 -8.54 4.10
CA LYS A 201 -30.52 -9.23 3.95
C LYS A 201 -31.53 -8.42 3.14
N VAL A 202 -31.92 -8.92 1.98
CA VAL A 202 -32.80 -8.19 1.03
C VAL A 202 -33.92 -9.13 0.59
N ASN A 203 -35.17 -8.78 0.91
CA ASN A 203 -36.32 -9.67 0.65
C ASN A 203 -36.19 -11.06 1.26
N GLY A 204 -35.75 -11.12 2.50
CA GLY A 204 -35.48 -12.40 3.11
C GLY A 204 -34.27 -13.19 2.63
N THR A 205 -33.51 -12.75 1.62
CA THR A 205 -32.33 -13.51 1.15
C THR A 205 -31.05 -12.76 1.54
N TRP A 206 -30.03 -13.50 1.99
CA TRP A 206 -28.75 -12.87 2.30
C TRP A 206 -28.02 -12.63 0.94
N LEU A 207 -27.66 -11.40 0.65
CA LEU A 207 -26.85 -11.13 -0.57
C LEU A 207 -25.47 -10.64 -0.18
N GLN A 208 -24.45 -11.11 -0.86
CA GLN A 208 -23.08 -10.62 -0.65
C GLN A 208 -22.80 -9.34 -1.42
N ALA A 209 -22.92 -8.25 -0.69
CA ALA A 209 -22.75 -6.90 -1.18
C ALA A 209 -21.27 -6.58 -1.40
N GLY A 210 -20.42 -7.09 -0.51
CA GLY A 210 -19.01 -6.76 -0.56
C GLY A 210 -18.02 -7.85 -0.17
N VAL A 211 -16.78 -7.61 -0.51
CA VAL A 211 -15.64 -8.40 -0.05
C VAL A 211 -14.76 -7.47 0.80
N VAL A 212 -14.44 -7.84 2.06
CA VAL A 212 -13.58 -7.05 2.92
C VAL A 212 -12.25 -6.74 2.24
N SER A 213 -11.92 -5.45 2.11
CA SER A 213 -10.75 -5.08 1.32
C SER A 213 -9.73 -4.27 2.04
N TRP A 214 -10.04 -3.03 2.46
CA TRP A 214 -9.08 -2.22 3.19
C TRP A 214 -9.79 -1.12 4.03
N GLY A 215 -8.97 -0.32 4.67
CA GLY A 215 -9.40 0.83 5.38
C GLY A 215 -8.14 1.47 5.92
N GLU A 216 -8.28 2.67 6.51
CA GLU A 216 -7.22 3.24 7.33
C GLU A 216 -7.47 2.81 8.76
N GLY A 217 -6.69 1.82 9.16
CA GLY A 217 -7.00 1.07 10.37
C GLY A 217 -8.38 0.47 10.47
N CYS A 218 -8.83 0.30 11.73
CA CYS A 218 -10.06 -0.34 12.02
C CYS A 218 -10.78 0.52 12.99
N ALA A 219 -12.06 0.81 12.71
CA ALA A 219 -12.93 1.56 13.59
C ALA A 219 -12.36 2.90 14.07
N GLN A 220 -11.57 3.54 13.20
CA GLN A 220 -11.06 4.89 13.45
C GLN A 220 -11.99 6.02 12.98
N PRO A 221 -11.95 7.22 13.64
CA PRO A 221 -12.77 8.38 13.24
C PRO A 221 -12.61 8.71 11.77
N ASN A 222 -13.72 8.91 11.07
CA ASN A 222 -13.69 9.34 9.69
C ASN A 222 -13.09 8.35 8.70
N ARG A 223 -12.93 7.09 9.10
CA ARG A 223 -12.30 6.11 8.24
C ARG A 223 -13.09 4.80 8.25
N PRO A 224 -14.29 4.81 7.67
CA PRO A 224 -15.03 3.55 7.58
C PRO A 224 -14.31 2.48 6.75
N GLY A 225 -14.72 1.26 6.99
CA GLY A 225 -14.15 0.10 6.32
C GLY A 225 -14.51 0.15 4.84
N ILE A 226 -13.61 -0.31 4.01
CA ILE A 226 -13.86 -0.32 2.58
C ILE A 226 -13.88 -1.72 2.05
N TYR A 227 -14.84 -1.95 1.16
CA TYR A 227 -15.13 -3.26 0.58
C TYR A 227 -15.12 -3.20 -0.94
N THR A 228 -14.77 -4.29 -1.58
CA THR A 228 -14.97 -4.41 -3.01
C THR A 228 -16.47 -4.61 -3.27
N ARG A 229 -17.01 -3.82 -4.20
CA ARG A 229 -18.46 -3.81 -4.49
C ARG A 229 -18.72 -4.98 -5.48
N VAL A 230 -19.38 -6.01 -5.03
CA VAL A 230 -19.52 -7.27 -5.77
C VAL A 230 -20.29 -7.05 -7.10
N THR A 231 -21.28 -6.18 -7.11
CA THR A 231 -22.09 -5.94 -8.29
C THR A 231 -21.24 -5.44 -9.39
N TYR A 232 -20.21 -4.70 -9.08
CA TYR A 232 -19.36 -4.19 -10.13
C TYR A 232 -18.60 -5.26 -10.89
N TYR A 233 -18.37 -6.41 -10.25
CA TYR A 233 -17.51 -7.44 -10.74
C TYR A 233 -18.26 -8.73 -11.17
N LEU A 234 -19.59 -8.67 -11.26
CA LEU A 234 -20.41 -9.87 -11.60
C LEU A 234 -20.06 -10.54 -12.92
N ASP A 235 -19.80 -9.72 -13.95
CA ASP A 235 -19.48 -10.25 -15.27
C ASP A 235 -18.16 -11.04 -15.23
N TRP A 236 -17.18 -10.47 -14.54
CA TRP A 236 -15.94 -11.17 -14.35
C TRP A 236 -16.14 -12.50 -13.59
N ILE A 237 -16.90 -12.46 -12.49
CA ILE A 237 -17.15 -13.69 -11.68
C ILE A 237 -17.78 -14.72 -12.64
N HIS A 238 -18.76 -14.27 -13.42
CA HIS A 238 -19.47 -15.18 -14.33
C HIS A 238 -18.73 -15.65 -15.54
N HIS A 239 -17.55 -15.11 -15.83
CA HIS A 239 -16.72 -15.76 -16.78
C HIS A 239 -16.23 -17.10 -16.25
N TYR A 240 -16.25 -17.32 -14.93
CA TYR A 240 -15.62 -18.53 -14.31
C TYR A 240 -16.55 -19.47 -13.51
N VAL A 241 -17.54 -18.89 -12.91
CA VAL A 241 -18.39 -19.56 -11.99
C VAL A 241 -19.72 -19.70 -12.68
N PRO A 242 -20.23 -20.92 -12.84
CA PRO A 242 -21.56 -21.15 -13.51
C PRO A 242 -22.83 -20.39 -13.04
N ILE B 1 20.15 1.98 1.44
CA ILE B 1 20.90 1.74 0.20
C ILE B 1 21.40 0.27 0.24
N VAL B 2 21.07 -0.48 -0.81
CA VAL B 2 21.54 -1.83 -1.01
C VAL B 2 22.63 -1.85 -2.06
N GLY B 3 23.73 -2.53 -1.71
CA GLY B 3 24.88 -2.74 -2.60
C GLY B 3 25.81 -1.57 -2.79
N GLY B 4 25.74 -0.61 -1.91
CA GLY B 4 26.54 0.56 -2.10
C GLY B 4 27.66 0.61 -1.08
N GLN B 5 28.14 1.82 -0.84
CA GLN B 5 29.13 2.00 0.20
C GLN B 5 29.04 3.39 0.75
N GLU B 6 29.80 3.62 1.79
CA GLU B 6 29.74 4.86 2.52
C GLU B 6 30.18 5.97 1.58
N ALA B 7 29.49 7.07 1.56
CA ALA B 7 29.89 8.16 0.68
C ALA B 7 31.10 8.92 1.17
N PRO B 8 31.95 9.40 0.25
CA PRO B 8 32.95 10.41 0.64
C PRO B 8 32.30 11.63 1.25
N ARG B 9 32.98 12.19 2.24
CA ARG B 9 32.53 13.43 2.91
C ARG B 9 32.25 14.58 1.96
N SER B 10 33.03 14.70 0.89
CA SER B 10 32.75 15.79 -0.07
C SER B 10 31.52 15.58 -0.96
N LYS B 11 30.82 14.45 -0.89
CA LYS B 11 29.86 14.19 -1.97
C LYS B 11 28.44 14.37 -1.43
N TRP B 12 27.55 14.65 -2.36
CA TRP B 12 26.13 14.83 -2.04
C TRP B 12 25.85 15.89 -0.99
N PRO B 13 26.35 17.10 -1.19
CA PRO B 13 26.10 18.23 -0.26
C PRO B 13 24.62 18.59 -0.04
N TRP B 14 23.74 18.11 -0.91
CA TRP B 14 22.30 18.44 -0.86
C TRP B 14 21.47 17.45 -0.01
N GLN B 15 22.09 16.33 0.34
CA GLN B 15 21.33 15.24 0.99
C GLN B 15 20.84 15.78 2.31
N VAL B 16 19.58 15.49 2.66
CA VAL B 16 19.12 15.74 4.00
C VAL B 16 18.41 14.53 4.63
N SER B 17 18.18 14.61 5.95
CA SER B 17 17.52 13.61 6.79
C SER B 17 16.33 14.25 7.46
N LEU B 18 15.16 13.68 7.31
CA LEU B 18 14.00 14.15 8.00
C LEU B 18 13.84 13.38 9.28
N ARG B 19 13.53 14.11 10.35
CA ARG B 19 13.53 13.51 11.66
C ARG B 19 12.21 13.69 12.34
N VAL B 20 11.73 12.66 13.07
CA VAL B 20 10.44 12.68 13.74
C VAL B 20 10.63 12.70 15.25
N HIS B 21 9.83 13.51 15.98
CA HIS B 21 10.02 13.63 17.44
C HIS B 21 9.61 12.31 18.14
N GLY B 22 10.44 11.87 19.07
CA GLY B 22 10.21 10.63 19.84
C GLY B 22 11.16 10.63 21.02
N PRO B 23 11.48 9.45 21.54
CA PRO B 23 12.54 9.38 22.56
C PRO B 23 13.87 9.90 22.01
N TYR B 24 14.04 9.88 20.69
CA TYR B 24 15.05 10.75 20.10
C TYR B 24 14.53 11.21 18.68
N TRP B 25 15.19 12.18 18.08
CA TRP B 25 14.82 12.67 16.76
C TRP B 25 15.29 11.69 15.70
N MET B 26 14.40 10.76 15.40
CA MET B 26 14.76 9.60 14.63
C MET B 26 14.65 9.87 13.12
N HIS B 27 15.60 9.41 12.33
CA HIS B 27 15.53 9.50 10.87
C HIS B 27 14.43 8.63 10.33
N PHE B 28 13.53 9.16 9.53
CA PHE B 28 12.58 8.28 8.82
C PHE B 28 12.56 8.42 7.29
N CYS B 29 13.14 9.49 6.75
CA CYS B 29 13.18 9.68 5.29
C CYS B 29 14.32 10.62 4.90
N GLY B 30 14.70 10.56 3.62
CA GLY B 30 15.67 11.47 3.05
C GLY B 30 14.91 12.61 2.32
N GLY B 31 15.70 13.52 1.79
CA GLY B 31 15.21 14.69 1.09
C GLY B 31 16.45 15.26 0.44
N SER B 32 16.25 16.32 -0.36
CA SER B 32 17.29 17.06 -1.00
C SER B 32 17.04 18.54 -0.84
N LEU B 33 18.11 19.27 -0.58
CA LEU B 33 18.07 20.71 -0.59
C LEU B 33 18.07 21.25 -2.05
N ILE B 34 16.96 21.82 -2.47
CA ILE B 34 16.84 22.29 -3.88
C ILE B 34 16.84 23.82 -3.99
N HIS B 35 16.85 24.49 -2.83
CA HIS B 35 16.94 25.92 -2.78
C HIS B 35 17.31 26.19 -1.36
N PRO B 36 17.94 27.37 -1.09
CA PRO B 36 18.37 27.56 0.27
C PRO B 36 17.31 27.39 1.30
N GLN B 37 16.07 27.60 0.95
CA GLN B 37 15.01 27.53 1.97
C GLN B 37 14.06 26.36 1.67
N TRP B 38 14.45 25.50 0.70
CA TRP B 38 13.50 24.38 0.33
C TRP B 38 14.07 23.01 0.21
N VAL B 39 13.38 22.07 0.89
CA VAL B 39 13.63 20.63 0.79
C VAL B 39 12.60 19.87 -0.05
N LEU B 40 13.13 19.11 -0.99
CA LEU B 40 12.29 18.25 -1.78
C LEU B 40 12.28 16.87 -1.12
N THR B 41 11.09 16.29 -1.00
CA THR B 41 11.00 14.91 -0.51
C THR B 41 9.76 14.19 -1.07
N ALA B 42 9.49 12.98 -0.58
CA ALA B 42 8.39 12.17 -1.08
C ALA B 42 7.17 12.51 -0.18
N ALA B 43 6.01 12.67 -0.78
CA ALA B 43 4.76 12.86 -0.04
C ALA B 43 4.47 11.76 0.95
N HIS B 44 4.71 10.50 0.62
CA HIS B 44 4.44 9.45 1.60
C HIS B 44 5.24 9.52 2.88
N CYS B 45 6.31 10.28 2.90
CA CYS B 45 7.10 10.47 4.12
C CYS B 45 6.30 11.34 5.09
N VAL B 46 5.47 12.21 4.54
CA VAL B 46 4.75 13.22 5.34
C VAL B 46 3.18 13.25 5.14
N GLY B 47 2.62 12.22 4.52
CA GLY B 47 1.18 12.20 4.23
C GLY B 47 0.76 10.79 3.78
N PRO B 48 -0.49 10.63 3.30
CA PRO B 48 -1.43 11.70 3.00
C PRO B 48 -2.04 12.31 4.24
N ASP B 49 -1.93 11.70 5.41
CA ASP B 49 -2.54 12.31 6.60
C ASP B 49 -1.70 13.49 7.11
N VAL B 50 -2.40 14.51 7.56
CA VAL B 50 -1.80 15.78 8.01
C VAL B 50 -1.06 15.54 9.33
N LYS B 51 0.17 16.00 9.42
CA LYS B 51 0.99 15.72 10.60
C LYS B 51 1.42 17.02 11.27
N ASP B 52 1.80 16.92 12.52
CA ASP B 52 2.18 18.07 13.31
C ASP B 52 3.58 18.64 12.95
N LEU B 53 3.66 19.89 12.54
CA LEU B 53 4.94 20.51 12.15
C LEU B 53 6.02 20.49 13.24
N ALA B 54 5.60 20.73 14.47
CA ALA B 54 6.50 20.75 15.63
C ALA B 54 7.21 19.41 15.83
N ALA B 55 6.68 18.32 15.30
CA ALA B 55 7.26 16.99 15.48
C ALA B 55 8.11 16.59 14.30
N LEU B 56 8.44 17.56 13.46
CA LEU B 56 9.29 17.31 12.29
C LEU B 56 10.48 18.26 12.26
N ARG B 57 11.68 17.75 12.00
CA ARG B 57 12.83 18.59 11.70
C ARG B 57 13.64 17.99 10.58
N VAL B 58 14.50 18.85 10.07
CA VAL B 58 15.44 18.55 8.99
C VAL B 58 16.87 18.67 9.48
N GLN B 59 17.68 17.71 9.07
CA GLN B 59 19.09 17.72 9.26
C GLN B 59 19.75 17.76 7.91
N LEU B 60 20.60 18.74 7.67
CA LEU B 60 21.40 18.83 6.47
C LEU B 60 22.51 17.82 6.51
N ARG B 61 23.30 17.78 5.44
CA ARG B 61 24.29 16.75 5.17
C ARG B 61 25.12 16.41 6.39
N GLU B 62 25.03 15.16 6.83
CA GLU B 62 25.72 14.65 7.99
C GLU B 62 26.46 13.44 7.48
N GLN B 63 27.68 13.22 7.88
CA GLN B 63 28.29 11.98 7.51
C GLN B 63 27.73 10.75 8.23
N HIS B 64 27.45 10.90 9.53
CA HIS B 64 26.84 9.87 10.38
C HIS B 64 25.61 10.44 11.07
N LEU B 65 24.49 9.74 10.96
CA LEU B 65 23.30 10.21 11.62
C LEU B 65 23.53 10.33 13.11
N TYR B 66 23.02 11.43 13.65
CA TYR B 66 22.85 11.61 15.08
C TYR B 66 24.12 12.09 15.78
N TYR B 67 25.31 11.94 15.20
CA TYR B 67 26.53 12.28 15.91
C TYR B 67 26.61 13.76 16.12
N GLN B 68 26.40 14.52 15.10
CA GLN B 68 26.57 15.94 15.27
C GLN B 68 25.37 16.68 14.82
N ASP B 69 24.17 16.34 15.28
CA ASP B 69 22.97 16.93 14.71
C ASP B 69 22.86 18.42 15.01
N GLN B 70 22.38 19.17 14.04
CA GLN B 70 21.84 20.55 14.23
C GLN B 70 20.50 20.64 13.45
N LEU B 71 19.45 20.34 14.20
CA LEU B 71 18.15 20.21 13.68
C LEU B 71 17.52 21.56 13.30
N LEU B 72 16.88 21.59 12.13
CA LEU B 72 16.24 22.79 11.56
C LEU B 72 14.70 22.64 11.56
N PRO B 73 13.99 23.60 12.21
CA PRO B 73 12.55 23.52 12.14
C PRO B 73 12.05 23.76 10.68
N VAL B 74 10.82 23.31 10.42
CA VAL B 74 10.18 23.39 9.15
C VAL B 74 9.02 24.37 9.33
N SER B 75 8.79 25.28 8.38
CA SER B 75 7.70 26.25 8.48
C SER B 75 6.46 25.83 7.70
N ARG B 76 6.64 25.10 6.62
CA ARG B 76 5.51 24.52 5.92
C ARG B 76 5.77 23.17 5.25
N ILE B 77 4.80 22.26 5.35
CA ILE B 77 4.77 21.01 4.57
C ILE B 77 3.80 21.15 3.42
N ILE B 78 4.27 20.94 2.18
CA ILE B 78 3.41 21.05 1.01
C ILE B 78 3.42 19.66 0.35
N VAL B 79 2.31 18.93 0.51
CA VAL B 79 2.19 17.63 -0.11
C VAL B 79 1.42 17.76 -1.43
N HIS B 80 1.87 17.12 -2.52
CA HIS B 80 1.17 17.28 -3.78
C HIS B 80 -0.31 16.89 -3.54
N PRO B 81 -1.26 17.73 -3.94
CA PRO B 81 -2.64 17.30 -3.68
C PRO B 81 -3.20 16.08 -4.44
N GLN B 82 -2.57 15.63 -5.53
CA GLN B 82 -3.00 14.45 -6.22
C GLN B 82 -2.50 13.18 -5.53
N PHE B 83 -1.71 13.37 -4.46
CA PHE B 83 -1.16 12.23 -3.72
C PHE B 83 -2.12 11.62 -2.71
N TYR B 84 -2.25 10.29 -2.86
CA TYR B 84 -2.82 9.44 -1.82
C TYR B 84 -1.93 8.22 -1.49
N THR B 85 -1.38 7.52 -2.49
CA THR B 85 -0.44 6.42 -2.21
C THR B 85 0.64 6.45 -3.25
N ALA B 86 1.78 5.91 -2.87
CA ALA B 86 2.93 5.85 -3.81
C ALA B 86 2.60 5.09 -5.09
N GLN B 87 1.76 4.04 -4.98
CA GLN B 87 1.49 3.25 -6.17
C GLN B 87 0.62 3.95 -7.18
N ILE B 88 -0.18 4.93 -6.75
CA ILE B 88 -0.98 5.78 -7.67
C ILE B 88 -0.14 6.93 -8.21
N GLY B 89 0.77 7.43 -7.37
CA GLY B 89 1.74 8.42 -7.80
C GLY B 89 1.52 9.82 -7.23
N ALA B 90 2.10 10.84 -7.89
CA ALA B 90 2.28 12.16 -7.27
C ALA B 90 3.00 12.10 -5.90
N ASP B 91 3.97 11.20 -5.77
CA ASP B 91 4.64 10.98 -4.44
C ASP B 91 5.76 11.97 -4.27
N ILE B 92 5.37 13.20 -3.92
CA ILE B 92 6.31 14.33 -3.97
C ILE B 92 5.81 15.41 -3.06
N ALA B 93 6.73 16.02 -2.31
CA ALA B 93 6.39 17.01 -1.32
C ALA B 93 7.57 17.98 -1.12
N LEU B 94 7.23 19.15 -0.63
CA LEU B 94 8.18 20.16 -0.31
C LEU B 94 8.13 20.50 1.19
N LEU B 95 9.31 20.68 1.76
CA LEU B 95 9.40 21.28 3.09
C LEU B 95 10.01 22.67 3.01
N GLU B 96 9.29 23.68 3.45
CA GLU B 96 9.85 25.06 3.47
C GLU B 96 10.55 25.19 4.80
N LEU B 97 11.80 25.59 4.80
CA LEU B 97 12.52 25.74 6.06
C LEU B 97 12.20 27.13 6.69
N GLU B 98 12.29 27.23 8.00
CA GLU B 98 12.07 28.50 8.70
C GLU B 98 13.13 29.54 8.41
N GLU B 99 14.32 29.10 7.99
CA GLU B 99 15.40 29.99 7.56
C GLU B 99 16.04 29.48 6.30
N PRO B 100 16.56 30.40 5.48
CA PRO B 100 17.31 29.91 4.34
C PRO B 100 18.65 29.46 4.88
N VAL B 101 19.14 28.30 4.46
CA VAL B 101 20.44 27.93 4.94
C VAL B 101 21.54 28.73 4.20
N LYS B 102 22.61 29.02 4.92
CA LYS B 102 23.80 29.63 4.33
C LYS B 102 24.56 28.51 3.67
N VAL B 103 24.65 28.59 2.36
CA VAL B 103 25.21 27.57 1.49
C VAL B 103 26.76 27.58 1.56
N SER B 104 27.37 26.40 1.42
CA SER B 104 28.83 26.22 1.50
C SER B 104 29.28 25.14 0.46
N SER B 105 30.58 24.83 0.41
CA SER B 105 31.06 23.68 -0.38
C SER B 105 30.43 22.40 0.18
N HIS B 106 30.49 22.24 1.50
CA HIS B 106 29.96 21.05 2.16
C HIS B 106 28.43 20.89 2.14
N VAL B 107 27.70 22.01 2.16
CA VAL B 107 26.26 22.00 2.17
C VAL B 107 25.68 22.98 1.14
N HIS B 108 25.04 22.43 0.11
CA HIS B 108 24.48 23.26 -0.92
C HIS B 108 23.42 22.53 -1.77
N THR B 109 22.73 23.30 -2.60
CA THR B 109 21.57 22.81 -3.35
C THR B 109 21.95 21.92 -4.50
N VAL B 110 21.07 21.01 -4.86
CA VAL B 110 21.20 20.28 -6.12
C VAL B 110 20.41 21.02 -7.20
N THR B 111 20.77 20.85 -8.44
CA THR B 111 20.05 21.54 -9.51
C THR B 111 18.97 20.61 -10.04
N LEU B 112 17.78 21.16 -10.19
CA LEU B 112 16.69 20.43 -10.87
C LEU B 112 16.89 20.41 -12.37
N PRO B 113 16.45 19.34 -13.03
CA PRO B 113 16.68 19.29 -14.47
C PRO B 113 15.72 20.23 -15.23
N PRO B 114 16.10 20.63 -16.44
CA PRO B 114 15.10 21.32 -17.30
C PRO B 114 13.95 20.37 -17.69
N ALA B 115 12.78 20.94 -17.92
CA ALA B 115 11.58 20.16 -18.27
C ALA B 115 11.81 19.22 -19.42
N SER B 116 12.66 19.66 -20.36
CA SER B 116 12.95 18.86 -21.52
C SER B 116 13.90 17.72 -21.22
N GLU B 117 14.54 17.74 -20.06
CA GLU B 117 15.64 16.80 -19.86
C GLU B 117 15.13 15.40 -19.91
N THR B 118 15.83 14.54 -20.62
CA THR B 118 15.47 13.15 -20.62
C THR B 118 16.74 12.45 -20.23
N PHE B 119 16.57 11.42 -19.43
CA PHE B 119 17.67 10.74 -18.77
C PHE B 119 17.69 9.39 -19.42
N PRO B 120 18.65 9.14 -20.31
CA PRO B 120 18.36 8.01 -21.16
C PRO B 120 18.59 6.75 -20.42
N PRO B 121 18.00 5.66 -20.91
CA PRO B 121 18.28 4.35 -20.33
C PRO B 121 19.74 4.03 -20.29
N GLY B 122 20.18 3.40 -19.21
CA GLY B 122 21.57 3.01 -19.11
C GLY B 122 22.45 4.06 -18.47
N MET B 123 21.99 5.32 -18.42
CA MET B 123 22.69 6.42 -17.74
C MET B 123 23.02 6.08 -16.27
N PRO B 124 24.29 6.21 -15.90
CA PRO B 124 24.73 5.90 -14.55
C PRO B 124 24.36 7.05 -13.64
N CYS B 125 23.40 6.80 -12.78
CA CYS B 125 22.94 7.74 -11.84
C CYS B 125 23.24 7.17 -10.43
N TRP B 126 23.11 8.03 -9.44
CA TRP B 126 23.41 7.64 -8.09
C TRP B 126 22.23 7.97 -7.17
N VAL B 127 21.98 7.08 -6.24
CA VAL B 127 21.01 7.35 -5.14
C VAL B 127 21.77 7.19 -3.80
N THR B 128 21.37 8.01 -2.85
CA THR B 128 22.04 8.16 -1.59
C THR B 128 21.01 8.19 -0.42
N GLY B 129 21.46 7.73 0.73
CA GLY B 129 20.59 7.76 1.90
C GLY B 129 21.11 6.98 3.08
N TRP B 130 20.30 7.00 4.14
CA TRP B 130 20.58 6.23 5.31
C TRP B 130 19.58 5.11 5.58
N GLY B 131 18.94 4.59 4.55
CA GLY B 131 18.00 3.47 4.71
C GLY B 131 18.67 2.08 4.78
N ASP B 132 17.80 1.07 4.87
CA ASP B 132 18.14 -0.29 5.10
C ASP B 132 19.08 -0.73 4.02
N VAL B 133 20.00 -1.61 4.41
CA VAL B 133 21.01 -2.10 3.51
C VAL B 133 20.58 -3.36 2.80
N ASP B 134 19.43 -3.92 3.19
CA ASP B 134 18.76 -4.96 2.43
C ASP B 134 17.38 -5.07 3.00
N ASN B 135 16.59 -5.99 2.45
CA ASN B 135 15.22 -6.18 2.97
C ASN B 135 15.27 -6.48 4.45
N ASP B 136 14.50 -5.73 5.26
CA ASP B 136 14.53 -5.85 6.73
C ASP B 136 15.92 -5.91 7.39
N GLU B 137 16.88 -5.17 6.86
CA GLU B 137 18.20 -5.08 7.39
C GLU B 137 18.53 -3.59 7.55
N ARG B 138 18.44 -3.10 8.77
CA ARG B 138 18.79 -1.73 9.12
C ARG B 138 20.22 -1.34 8.78
N LEU B 139 20.41 -0.07 8.39
CA LEU B 139 21.72 0.51 8.42
C LEU B 139 22.26 0.40 9.89
N PRO B 140 23.40 -0.27 10.12
CA PRO B 140 24.05 -0.32 11.46
C PRO B 140 24.64 1.00 11.92
N PRO B 141 24.65 1.24 13.23
CA PRO B 141 25.52 2.26 13.77
C PRO B 141 26.97 2.04 13.26
N PRO B 142 27.72 3.12 13.03
CA PRO B 142 27.32 4.52 13.30
C PRO B 142 26.54 5.25 12.13
N PHE B 143 25.79 4.53 11.30
CA PHE B 143 24.83 5.15 10.35
C PHE B 143 25.51 6.03 9.27
N PRO B 144 26.50 5.49 8.57
CA PRO B 144 27.17 6.29 7.53
C PRO B 144 26.16 6.67 6.42
N LEU B 145 26.30 7.83 5.82
CA LEU B 145 25.56 8.06 4.58
C LEU B 145 26.09 7.15 3.47
N LYS B 146 25.19 6.42 2.79
CA LYS B 146 25.60 5.52 1.70
C LYS B 146 25.15 6.02 0.33
N GLN B 147 25.79 5.44 -0.66
CA GLN B 147 25.63 5.83 -2.04
C GLN B 147 25.68 4.58 -2.89
N VAL B 148 24.96 4.58 -4.01
CA VAL B 148 25.07 3.48 -4.92
C VAL B 148 24.69 3.97 -6.31
N LYS B 149 25.47 3.50 -7.29
CA LYS B 149 25.24 3.74 -8.68
C LYS B 149 24.20 2.76 -9.20
N VAL B 150 23.18 3.29 -9.84
CA VAL B 150 22.06 2.51 -10.38
C VAL B 150 21.83 3.02 -11.80
N PRO B 151 21.64 2.11 -12.75
CA PRO B 151 21.26 2.60 -14.12
C PRO B 151 19.79 2.99 -14.26
N ILE B 152 19.51 4.05 -14.97
CA ILE B 152 18.14 4.38 -15.40
C ILE B 152 17.64 3.30 -16.34
N MET B 153 16.36 3.00 -16.21
CA MET B 153 15.67 2.11 -17.10
C MET B 153 14.42 2.83 -17.64
N GLU B 154 14.00 2.46 -18.85
CA GLU B 154 12.81 3.02 -19.48
C GLU B 154 11.58 2.53 -18.71
N ASN B 155 10.59 3.39 -18.55
CA ASN B 155 9.33 3.02 -17.91
C ASN B 155 8.70 1.75 -18.53
N HIS B 156 8.75 1.60 -19.85
CA HIS B 156 8.05 0.51 -20.51
C HIS B 156 8.65 -0.84 -20.00
N ILE B 157 9.98 -0.90 -19.87
CA ILE B 157 10.66 -2.11 -19.39
C ILE B 157 10.42 -2.32 -17.88
N CYS B 158 10.39 -1.24 -17.12
CA CYS B 158 10.22 -1.33 -15.68
C CYS B 158 8.80 -1.83 -15.43
N ASP B 159 7.83 -1.28 -16.16
CA ASP B 159 6.47 -1.74 -16.08
C ASP B 159 6.34 -3.19 -16.51
N ALA B 160 7.01 -3.60 -17.57
CA ALA B 160 6.93 -4.98 -18.07
C ALA B 160 7.54 -5.95 -17.02
N LYS B 161 8.64 -5.51 -16.42
CA LYS B 161 9.25 -6.29 -15.37
C LYS B 161 8.29 -6.48 -14.17
N TYR B 162 7.60 -5.42 -13.76
CA TYR B 162 6.67 -5.56 -12.63
C TYR B 162 5.51 -6.57 -12.85
N HIS B 163 5.22 -6.86 -14.10
CA HIS B 163 4.20 -7.77 -14.52
C HIS B 163 4.66 -9.22 -14.51
N LEU B 164 5.96 -9.46 -14.61
CA LEU B 164 6.47 -10.84 -14.59
C LEU B 164 6.27 -11.38 -13.22
N GLY B 165 5.64 -12.55 -13.12
CA GLY B 165 5.44 -13.12 -11.80
C GLY B 165 4.25 -12.50 -11.08
N ALA B 166 3.37 -11.87 -11.85
CA ALA B 166 2.22 -11.17 -11.25
C ALA B 166 0.95 -11.52 -12.00
N TYR B 167 -0.19 -11.42 -11.30
CA TYR B 167 -1.50 -11.68 -11.90
C TYR B 167 -2.03 -10.50 -12.72
N THR B 168 -1.52 -9.31 -12.44
CA THR B 168 -1.94 -8.09 -13.10
C THR B 168 -1.86 -8.20 -14.61
N GLY B 169 -2.91 -7.75 -15.27
CA GLY B 169 -3.01 -7.77 -16.72
C GLY B 169 -1.84 -7.02 -17.31
N ASP B 170 -1.23 -7.60 -18.31
CA ASP B 170 -0.04 -6.98 -18.90
C ASP B 170 -0.31 -5.60 -19.49
N ASP B 171 -1.53 -5.32 -19.89
CA ASP B 171 -1.97 -4.00 -20.42
C ASP B 171 -2.43 -3.05 -19.31
N VAL B 172 -2.40 -3.48 -18.04
CA VAL B 172 -2.88 -2.65 -16.93
C VAL B 172 -1.61 -2.11 -16.32
N ARG B 173 -1.45 -0.81 -16.32
CA ARG B 173 -0.23 -0.16 -15.89
C ARG B 173 0.03 -0.29 -14.41
N ILE B 174 1.28 -0.61 -14.13
CA ILE B 174 1.78 -0.61 -12.77
C ILE B 174 2.69 0.58 -12.55
N VAL B 175 3.68 0.76 -13.40
CA VAL B 175 4.59 1.90 -13.29
C VAL B 175 4.06 3.02 -14.17
N ARG B 176 3.73 4.12 -13.55
CA ARG B 176 3.03 5.23 -14.24
C ARG B 176 3.98 6.26 -14.78
N ASP B 177 3.40 7.19 -15.54
CA ASP B 177 4.17 8.07 -16.36
C ASP B 177 4.85 9.15 -15.55
N ASP B 178 4.35 9.48 -14.36
CA ASP B 178 5.09 10.36 -13.44
C ASP B 178 6.12 9.64 -12.53
N MET B 179 6.48 8.41 -12.88
CA MET B 179 7.47 7.65 -12.16
C MET B 179 8.66 7.35 -13.08
N LEU B 180 9.72 6.86 -12.50
CA LEU B 180 10.99 6.66 -13.20
C LEU B 180 11.60 5.50 -12.46
N CYS B 181 12.24 4.56 -13.14
CA CYS B 181 12.88 3.43 -12.41
C CYS B 181 14.36 3.37 -12.62
N ALA B 182 15.00 2.68 -11.70
CA ALA B 182 16.42 2.48 -11.68
C ALA B 182 16.77 1.33 -10.70
N GLY B 183 17.91 0.67 -10.95
CA GLY B 183 18.38 -0.42 -10.10
C GLY B 183 18.16 -1.83 -10.62
N ASN B 184 18.69 -2.79 -9.89
CA ASN B 184 18.71 -4.19 -10.27
C ASN B 184 18.83 -4.97 -8.96
N THR B 185 19.13 -6.28 -9.04
CA THR B 185 19.18 -7.16 -7.83
C THR B 185 20.48 -7.00 -7.04
N ARG B 186 21.39 -6.16 -7.50
CA ARG B 186 22.54 -5.82 -6.65
C ARG B 186 22.56 -4.39 -6.13
N ARG B 187 21.89 -3.45 -6.79
CA ARG B 187 21.97 -2.02 -6.43
C ARG B 187 20.59 -1.37 -6.36
N ASP B 188 20.20 -0.88 -5.18
CA ASP B 188 18.85 -0.33 -5.01
C ASP B 188 18.81 0.63 -3.80
N SER B 189 17.76 1.44 -3.80
CA SER B 189 17.34 2.20 -2.64
C SER B 189 16.46 1.29 -1.81
N CYS B 190 16.17 1.62 -0.55
CA CYS B 190 15.33 0.76 0.27
C CYS B 190 14.64 1.57 1.32
N GLN B 191 13.90 0.90 2.21
CA GLN B 191 13.18 1.62 3.29
C GLN B 191 14.07 2.60 4.08
N GLY B 192 13.60 3.80 4.30
CA GLY B 192 14.35 4.88 4.97
C GLY B 192 15.19 5.78 4.02
N ASP B 193 15.32 5.34 2.80
CA ASP B 193 15.91 6.16 1.74
C ASP B 193 14.84 7.00 1.05
N SER B 194 13.60 6.59 1.20
CA SER B 194 12.46 7.26 0.56
C SER B 194 12.62 8.74 0.76
N GLY B 195 12.24 9.49 -0.26
CA GLY B 195 12.25 10.94 -0.20
C GLY B 195 13.53 11.56 -0.69
N GLY B 196 14.60 10.77 -0.67
CA GLY B 196 15.88 11.24 -1.03
C GLY B 196 16.06 11.23 -2.52
N PRO B 197 17.25 11.66 -2.98
CA PRO B 197 17.54 12.01 -4.38
C PRO B 197 18.17 10.93 -5.18
N LEU B 198 17.68 10.80 -6.44
CA LEU B 198 18.38 10.06 -7.49
C LEU B 198 18.98 11.15 -8.38
N VAL B 199 20.29 11.15 -8.55
CA VAL B 199 20.97 12.29 -9.21
C VAL B 199 21.77 11.75 -10.38
N CYS B 200 21.79 12.49 -11.47
CA CYS B 200 22.56 12.06 -12.65
C CYS B 200 23.43 13.24 -13.12
N LYS B 201 24.68 12.93 -13.40
CA LYS B 201 25.61 13.94 -13.90
C LYS B 201 25.49 14.05 -15.42
N VAL B 202 25.02 15.18 -15.90
CA VAL B 202 24.79 15.45 -17.31
C VAL B 202 25.66 16.65 -17.69
N ASN B 203 26.45 16.53 -18.77
CA ASN B 203 27.28 17.67 -19.19
C ASN B 203 28.14 18.04 -17.99
N GLY B 204 28.79 17.04 -17.39
CA GLY B 204 29.50 17.24 -16.11
C GLY B 204 28.81 17.94 -14.93
N THR B 205 27.47 18.13 -14.92
CA THR B 205 26.78 18.76 -13.76
C THR B 205 25.59 17.91 -13.17
N TRP B 206 25.44 17.86 -11.84
CA TRP B 206 24.51 16.88 -11.18
C TRP B 206 23.05 17.31 -11.28
N LEU B 207 22.19 16.49 -11.83
CA LEU B 207 20.81 16.88 -11.90
C LEU B 207 19.99 15.85 -11.09
N GLN B 208 18.98 16.32 -10.35
CA GLN B 208 18.08 15.41 -9.66
C GLN B 208 17.00 14.84 -10.60
N ALA B 209 17.15 13.58 -10.97
CA ALA B 209 16.18 12.97 -11.87
C ALA B 209 14.97 12.44 -11.11
N GLY B 210 15.20 11.96 -9.89
CA GLY B 210 14.21 11.20 -9.17
C GLY B 210 14.12 11.48 -7.67
N VAL B 211 12.96 11.17 -7.11
CA VAL B 211 12.77 11.20 -5.66
C VAL B 211 12.41 9.75 -5.27
N VAL B 212 13.21 9.12 -4.39
CA VAL B 212 12.94 7.72 -3.98
C VAL B 212 11.50 7.57 -3.53
N SER B 213 10.71 6.68 -4.13
CA SER B 213 9.26 6.57 -3.81
C SER B 213 8.86 5.17 -3.34
N TRP B 214 9.08 4.15 -4.15
CA TRP B 214 8.61 2.79 -3.71
C TRP B 214 9.21 1.74 -4.50
N GLY B 215 8.75 0.54 -4.22
CA GLY B 215 9.08 -0.59 -5.00
C GLY B 215 8.57 -1.81 -4.27
N GLU B 216 8.65 -2.95 -4.92
CA GLU B 216 8.45 -4.22 -4.23
C GLU B 216 9.75 -4.75 -3.58
N GLY B 217 9.85 -4.53 -2.28
CA GLY B 217 11.11 -4.76 -1.57
C GLY B 217 12.26 -4.00 -2.15
N CYS B 218 13.46 -4.53 -1.92
CA CYS B 218 14.66 -3.91 -2.36
C CYS B 218 15.51 -4.94 -3.07
N ALA B 219 15.93 -4.56 -4.26
CA ALA B 219 16.84 -5.36 -5.05
C ALA B 219 16.33 -6.80 -5.26
N GLN B 220 15.03 -6.93 -5.48
CA GLN B 220 14.40 -8.23 -5.80
C GLN B 220 14.30 -8.34 -7.33
N PRO B 221 14.33 -9.60 -7.83
CA PRO B 221 14.23 -9.91 -9.25
C PRO B 221 12.98 -9.29 -9.88
N ASN B 222 13.21 -8.68 -11.02
CA ASN B 222 12.19 -8.02 -11.79
C ASN B 222 11.45 -6.96 -11.01
N ARG B 223 12.11 -6.32 -10.08
CA ARG B 223 11.42 -5.30 -9.31
C ARG B 223 12.32 -4.15 -9.01
N PRO B 224 12.62 -3.32 -10.03
CA PRO B 224 13.47 -2.17 -9.80
C PRO B 224 12.83 -1.10 -8.92
N GLY B 225 13.69 -0.24 -8.41
CA GLY B 225 13.28 0.89 -7.56
C GLY B 225 12.48 1.86 -8.42
N ILE B 226 11.44 2.34 -7.83
CA ILE B 226 10.62 3.35 -8.50
C ILE B 226 10.76 4.66 -7.76
N TYR B 227 10.86 5.73 -8.57
CA TYR B 227 11.15 7.07 -8.18
C TYR B 227 10.05 7.93 -8.72
N THR B 228 9.75 9.01 -8.00
CA THR B 228 8.96 10.07 -8.63
C THR B 228 9.85 10.80 -9.67
N ARG B 229 9.33 11.04 -10.86
CA ARG B 229 10.09 11.64 -11.94
C ARG B 229 10.08 13.12 -11.79
N VAL B 230 11.22 13.71 -11.43
CA VAL B 230 11.23 15.17 -11.09
C VAL B 230 10.74 16.09 -12.22
N THR B 231 11.16 15.80 -13.44
CA THR B 231 10.72 16.62 -14.59
C THR B 231 9.22 16.71 -14.69
N TYR B 232 8.52 15.64 -14.29
CA TYR B 232 7.08 15.62 -14.37
C TYR B 232 6.45 16.69 -13.52
N TYR B 233 7.05 16.99 -12.38
CA TYR B 233 6.47 17.91 -11.40
C TYR B 233 7.18 19.26 -11.26
N LEU B 234 8.00 19.63 -12.23
CA LEU B 234 8.65 20.97 -12.21
C LEU B 234 7.75 22.15 -12.02
N ASP B 235 6.64 22.22 -12.74
CA ASP B 235 5.75 23.36 -12.63
C ASP B 235 5.11 23.40 -11.28
N TRP B 236 4.77 22.24 -10.72
CA TRP B 236 4.29 22.28 -9.33
C TRP B 236 5.42 22.69 -8.38
N ILE B 237 6.61 22.16 -8.59
CA ILE B 237 7.70 22.54 -7.70
C ILE B 237 7.87 24.08 -7.80
N HIS B 238 7.91 24.59 -9.03
CA HIS B 238 8.16 26.05 -9.26
C HIS B 238 7.01 26.95 -8.96
N HIS B 239 5.85 26.39 -8.67
CA HIS B 239 4.80 27.12 -8.09
C HIS B 239 5.16 27.66 -6.73
N TYR B 240 6.13 27.04 -6.04
CA TYR B 240 6.44 27.44 -4.66
C TYR B 240 7.87 27.85 -4.46
N VAL B 241 8.78 27.25 -5.19
CA VAL B 241 10.18 27.44 -4.99
C VAL B 241 10.74 28.34 -6.07
N PRO B 242 11.32 29.48 -5.66
CA PRO B 242 11.97 30.44 -6.62
C PRO B 242 13.01 29.80 -7.53
N LYS B 243 12.99 30.14 -8.82
CA LYS B 243 14.13 29.92 -9.72
C LYS B 243 15.26 30.90 -9.34
S SO4 C . -29.94 -17.87 2.59
O1 SO4 C . -29.69 -17.91 4.06
O2 SO4 C . -28.75 -18.41 1.89
O3 SO4 C . -31.09 -18.77 2.29
O4 SO4 C . -30.28 -16.41 2.28
S SO4 D . -5.20 -7.94 5.91
O1 SO4 D . -4.39 -8.69 6.88
O2 SO4 D . -4.84 -6.50 5.79
O3 SO4 D . -5.04 -8.55 4.54
O4 SO4 D . -6.61 -8.17 6.41
CL CL E . -23.85 -6.98 15.77
C1 PGE F . 0.38 -15.23 2.39
O1 PGE F . 0.01 -14.87 3.70
C2 PGE F . -0.72 -16.15 1.87
O2 PGE F . -0.18 -17.12 0.99
C3 PGE F . -0.95 -18.28 0.64
C4 PGE F . -0.04 -19.45 0.22
O4 PGE F . 4.32 -19.37 -1.96
C6 PGE F . 3.06 -18.71 -1.78
C5 PGE F . 2.24 -19.06 -0.54
O3 PGE F . 0.83 -19.19 -0.91
O43 2AV G . 7.52 -3.91 -0.70
C42 2AV G . 7.06 -2.83 -0.41
N44 2AV G . 7.72 -1.95 0.33
C49 2AV G . 7.28 -0.56 0.60
C48 2AV G . 8.26 0.30 -0.28
C47 2AV G . 9.73 0.05 0.12
C50 2AV G . 10.74 0.80 -0.65
C57 2AV G . 11.31 0.30 -1.80
C54 2AV G . 12.28 1.05 -2.48
C55 2AV G . 12.84 0.56 -3.76
N56 2AV G . 13.71 -0.55 -3.48
C53 2AV G . 12.69 2.29 -2.00
C52 2AV G . 12.14 2.76 -0.81
C51 2AV G . 11.18 2.01 -0.12
C46 2AV G . 10.09 -1.44 0.06
C60 2AV G . 9.07 -2.26 0.87
C39 2AV G . 5.70 -2.55 -0.90
S38 2AV G . 5.17 -2.75 -2.53
C40 2AV G . 4.66 -2.17 -0.11
C41 2AV G . 3.44 -2.01 -0.79
C37 2AV G . 3.59 -2.33 -2.12
C36 2AV G . 2.50 -2.25 -3.01
C45 2AV G . 1.29 -1.86 -2.48
C34 2AV G . 1.14 -1.52 -1.13
C33 2AV G . 2.21 -1.62 -0.27
SI2 2AV G . 2.06 -1.16 1.55
C1 2AV G . 3.10 0.38 1.78
C3 2AV G . 2.63 -2.51 2.71
O4 2AV G . 0.56 -0.71 1.92
SI5 2AV G . -0.04 -0.38 3.39
C6 2AV G . 1.15 0.06 4.76
C7 2AV G . -0.93 -1.94 3.91
C8 2AV G . -1.22 1.01 2.99
C16 2AV G . -2.27 1.20 3.87
C12 2AV G . -3.19 2.21 3.65
C11 2AV G . -3.12 3.06 2.54
C10 2AV G . -2.04 2.86 1.64
C9 2AV G . -1.10 1.83 1.88
C15 2AV G . -2.54 0.43 5.04
C14 2AV G . -3.64 0.86 5.69
S13 2AV G . -4.37 2.21 4.87
C17 2AV G . -4.14 0.31 6.94
O18 2AV G . -4.32 1.13 7.79
N19 2AV G . -4.36 -1.00 7.12
C24 2AV G . -4.24 -2.07 6.12
C23 2AV G . -5.75 -2.41 5.95
C22 2AV G . -6.34 -2.92 7.30
C21 2AV G . -6.18 -1.89 8.41
C20 2AV G . -4.78 -1.48 8.42
C25 2AV G . -7.78 -3.36 7.16
C32 2AV G . -8.88 -2.53 7.36
C29 2AV G . -10.20 -2.96 7.20
C30 2AV G . -11.35 -2.03 7.39
N31 2AV G . -11.45 -1.62 8.79
C28 2AV G . -10.45 -4.27 6.91
C27 2AV G . -9.37 -5.12 6.69
C26 2AV G . -8.05 -4.71 6.84
S SO4 H . 9.91 3.97 3.57
O1 SO4 H . 10.19 3.95 5.00
O2 SO4 H . 11.21 4.31 2.85
O3 SO4 H . 9.33 2.76 3.01
O4 SO4 H . 9.00 5.13 3.42
S SO4 I . 4.94 2.71 -23.24
O1 SO4 I . 5.42 3.41 -22.01
O2 SO4 I . 6.08 2.05 -23.88
O3 SO4 I . 4.00 1.64 -23.04
O4 SO4 I . 4.36 3.75 -24.11
S SO4 J . 19.34 -8.33 -12.42
O1 SO4 J . 20.22 -7.83 -11.32
O2 SO4 J . 20.16 -8.76 -13.59
O3 SO4 J . 18.61 -9.49 -11.85
O4 SO4 J . 18.37 -7.33 -12.91
CL CL K . 10.77 6.57 -20.25
C1 PGE L . 4.25 13.99 12.76
O1 PGE L . 4.54 13.33 13.99
C2 PGE L . 5.41 14.77 12.13
O2 PGE L . 6.50 13.96 11.62
C3 PGE L . 6.19 13.04 10.55
C4 PGE L . 6.97 11.76 10.81
O4 PGE L . 5.71 7.45 10.31
C6 PGE L . 6.05 8.44 11.28
C5 PGE L . 7.08 9.36 10.65
O3 PGE L . 6.46 10.59 10.17
O1 MES M . 1.26 5.74 -23.11
C2 MES M . 0.24 6.61 -22.57
C3 MES M . -0.32 6.11 -21.25
N4 MES M . 0.66 5.29 -20.48
C5 MES M . 2.08 5.53 -20.81
C6 MES M . 2.43 5.46 -22.31
C7 MES M . 0.45 5.18 -18.97
C8 MES M . -0.59 6.05 -18.27
S MES M . -0.73 5.76 -16.61
O1S MES M . 0.53 6.44 -16.31
O2S MES M . -0.35 4.57 -15.93
O3S MES M . -1.54 6.72 -15.88
#